data_7N6J
#
_entry.id   7N6J
#
_cell.length_a   47.330
_cell.length_b   57.568
_cell.length_c   181.467
_cell.angle_alpha   90.000
_cell.angle_beta   90.000
_cell.angle_gamma   90.000
#
_symmetry.space_group_name_H-M   'I 2 2 2'
#
loop_
_entity.id
_entity.type
_entity.pdbx_description
1 polymer 'Chaperone protein DnaK'
2 polymer 'Alkaline phosphatase peptide'
3 non-polymer 'SULFATE ION'
4 water water
#
loop_
_entity_poly.entity_id
_entity_poly.type
_entity_poly.pdbx_seq_one_letter_code
_entity_poly.pdbx_strand_id
1 'polypeptide(L)'
;VLLLDVTPLSLGIETMGGVMTTLIAKNTTIPTKHSQVFSTAEDNQSAVTIHVLQGERKRAADNKSLGQFNLDGINPAPRG
MPQIEVTFDIDADGILHVSAKDKNSGKEQKITIKASSGLNEDEIQKMVRDAEANAEADRKFEELVQTRNQGDHLLHSTRK
QVEEAGDKLPADDKTAIESALTALETALKGEDKAAIEAKMQELAQVSQKLMEIAQQQHA
;
A
2 'polypeptide(L)' RKQSTIALALLPLLFTPRR B
#
# COMPACT_ATOMS: atom_id res chain seq x y z
N VAL A 1 33.92 -2.50 18.27
CA VAL A 1 32.68 -2.93 18.98
C VAL A 1 32.69 -4.46 19.13
N LEU A 2 32.07 -4.96 20.20
CA LEU A 2 31.86 -6.41 20.41
C LEU A 2 30.57 -6.86 19.70
N LEU A 3 29.63 -5.94 19.44
CA LEU A 3 28.23 -6.28 19.04
C LEU A 3 27.77 -5.42 17.86
N LEU A 4 26.85 -5.94 17.05
CA LEU A 4 26.11 -5.18 16.02
C LEU A 4 24.62 -5.29 16.33
N ASP A 5 23.89 -4.21 16.05
CA ASP A 5 22.41 -4.17 16.17
C ASP A 5 21.81 -4.72 14.88
N VAL A 6 20.89 -5.66 15.05
CA VAL A 6 20.20 -6.41 13.98
C VAL A 6 18.71 -6.35 14.29
N THR A 7 17.85 -6.13 13.27
CA THR A 7 16.37 -6.13 13.44
C THR A 7 15.88 -7.56 13.62
N PRO A 8 15.16 -7.82 14.72
CA PRO A 8 14.54 -9.12 14.96
C PRO A 8 13.18 -9.27 14.30
N LEU A 9 12.57 -8.14 13.91
CA LEU A 9 11.25 -8.06 13.22
C LEU A 9 11.27 -6.98 12.13
N SER A 10 10.57 -7.27 11.04
CA SER A 10 10.26 -6.32 9.94
C SER A 10 9.67 -5.01 10.51
N LEU A 11 10.07 -3.90 9.93
CA LEU A 11 9.54 -2.55 10.22
C LEU A 11 8.91 -2.03 8.92
N GLY A 12 7.77 -1.37 9.01
CA GLY A 12 7.17 -0.71 7.83
C GLY A 12 5.93 0.07 8.20
N ILE A 13 5.03 0.24 7.25
CA ILE A 13 3.85 1.12 7.41
C ILE A 13 2.56 0.38 7.04
N GLU A 14 1.45 0.90 7.53
CA GLU A 14 0.12 0.42 7.16
C GLU A 14 -0.23 0.98 5.79
N THR A 15 -0.63 0.12 4.86
CA THR A 15 -1.09 0.53 3.53
C THR A 15 -2.54 0.06 3.36
N MET A 16 -3.14 0.51 2.26
CA MET A 16 -4.57 0.36 1.91
C MET A 16 -4.98 -1.08 2.16
N GLY A 17 -6.05 -1.27 2.95
CA GLY A 17 -6.63 -2.56 3.34
C GLY A 17 -6.18 -3.01 4.72
N GLY A 18 -5.42 -2.20 5.47
CA GLY A 18 -4.94 -2.54 6.82
C GLY A 18 -3.88 -3.63 6.78
N VAL A 19 -3.01 -3.56 5.77
CA VAL A 19 -1.91 -4.54 5.57
C VAL A 19 -0.60 -3.85 5.95
N MET A 20 0.41 -4.63 6.34
CA MET A 20 1.74 -4.10 6.66
C MET A 20 2.59 -4.19 5.41
N THR A 21 3.19 -3.08 5.00
CA THR A 21 4.17 -3.06 3.91
C THR A 21 5.53 -2.84 4.56
N THR A 22 6.47 -3.74 4.30
CA THR A 22 7.77 -3.74 4.98
C THR A 22 8.69 -2.76 4.27
N LEU A 23 9.33 -1.85 5.00
CA LEU A 23 10.43 -0.96 4.50
C LEU A 23 11.79 -1.60 4.85
N ILE A 24 11.97 -2.11 6.08
CA ILE A 24 13.24 -2.72 6.58
C ILE A 24 12.96 -4.18 6.94
N ALA A 25 13.50 -5.09 6.14
CA ALA A 25 13.39 -6.55 6.33
C ALA A 25 13.94 -6.91 7.72
N LYS A 26 13.41 -7.97 8.31
CA LYS A 26 13.98 -8.56 9.55
C LYS A 26 15.41 -8.99 9.23
N ASN A 27 16.24 -9.18 10.25
CA ASN A 27 17.67 -9.58 10.16
C ASN A 27 18.49 -8.54 9.41
N THR A 28 18.15 -7.26 9.51
CA THR A 28 18.97 -6.17 8.90
C THR A 28 19.89 -5.63 9.98
N THR A 29 21.19 -5.54 9.68
CA THR A 29 22.17 -4.89 10.59
C THR A 29 22.09 -3.40 10.34
N ILE A 30 22.12 -2.61 11.41
CA ILE A 30 22.04 -1.12 11.32
C ILE A 30 23.47 -0.59 11.45
N PRO A 31 23.84 0.59 10.92
CA PRO A 31 22.89 1.56 10.35
C PRO A 31 22.26 1.01 9.06
N THR A 32 21.09 1.51 8.67
CA THR A 32 20.42 1.12 7.41
C THR A 32 19.47 2.24 6.99
N LYS A 33 19.28 2.39 5.69
CA LYS A 33 18.36 3.39 5.12
C LYS A 33 17.63 2.73 3.95
N HIS A 34 16.31 2.71 4.01
CA HIS A 34 15.42 2.18 2.96
C HIS A 34 14.29 3.18 2.71
N SER A 35 13.86 3.28 1.46
CA SER A 35 12.76 4.19 1.06
C SER A 35 11.94 3.51 -0.03
N GLN A 36 10.64 3.79 -0.02
CA GLN A 36 9.67 3.35 -1.04
C GLN A 36 8.74 4.53 -1.30
N VAL A 37 8.22 4.59 -2.51
CA VAL A 37 7.28 5.64 -2.93
C VAL A 37 5.88 5.05 -2.88
N PHE A 38 5.01 5.78 -2.21
CA PHE A 38 3.56 5.50 -2.10
C PHE A 38 2.80 6.61 -2.80
N SER A 39 1.49 6.51 -2.82
CA SER A 39 0.63 7.59 -3.37
C SER A 39 -0.72 7.61 -2.66
N THR A 40 -1.58 8.50 -3.12
CA THR A 40 -2.96 8.66 -2.60
C THR A 40 -3.82 7.52 -3.12
N ALA A 41 -4.89 7.22 -2.37
CA ALA A 41 -5.95 6.25 -2.71
C ALA A 41 -7.12 6.90 -3.47
N GLU A 42 -7.26 8.22 -3.48
CA GLU A 42 -8.45 8.89 -4.07
C GLU A 42 -8.02 10.19 -4.75
N ASP A 43 -8.72 10.59 -5.81
CA ASP A 43 -8.62 11.93 -6.42
C ASP A 43 -8.79 12.99 -5.32
N ASN A 44 -7.95 14.03 -5.35
CA ASN A 44 -8.11 15.24 -4.50
C ASN A 44 -7.74 14.97 -3.03
N GLN A 45 -7.18 13.81 -2.69
CA GLN A 45 -6.82 13.48 -1.28
C GLN A 45 -5.73 14.45 -0.82
N SER A 46 -5.90 15.05 0.36
CA SER A 46 -5.07 16.18 0.84
C SER A 46 -4.05 15.69 1.87
N ALA A 47 -4.19 14.47 2.37
CA ALA A 47 -3.34 13.93 3.45
C ALA A 47 -3.19 12.43 3.30
N VAL A 48 -2.08 11.90 3.83
CA VAL A 48 -1.87 10.44 4.05
C VAL A 48 -1.38 10.27 5.48
N THR A 49 -1.75 9.15 6.09
CA THR A 49 -1.30 8.79 7.46
C THR A 49 -0.17 7.78 7.31
N ILE A 50 0.94 8.06 7.95
CA ILE A 50 2.11 7.15 8.04
C ILE A 50 2.00 6.46 9.40
N HIS A 51 1.58 5.21 9.39
CA HIS A 51 1.41 4.39 10.61
C HIS A 51 2.54 3.38 10.67
N VAL A 52 3.50 3.60 11.57
CA VAL A 52 4.76 2.81 11.64
C VAL A 52 4.47 1.57 12.48
N LEU A 53 4.80 0.39 11.93
CA LEU A 53 4.52 -0.94 12.51
C LEU A 53 5.85 -1.71 12.65
N GLN A 54 5.90 -2.58 13.66
CA GLN A 54 6.96 -3.62 13.86
C GLN A 54 6.28 -4.97 14.02
N GLY A 55 6.67 -5.95 13.20
CA GLY A 55 6.20 -7.34 13.32
C GLY A 55 6.28 -8.13 12.03
N GLU A 56 5.84 -9.38 12.10
CA GLU A 56 5.91 -10.36 10.98
C GLU A 56 4.50 -10.77 10.56
N ARG A 57 3.48 -10.11 11.09
CA ARG A 57 2.06 -10.40 10.74
C ARG A 57 1.69 -9.52 9.55
N LYS A 58 0.66 -9.87 8.80
CA LYS A 58 0.26 -9.18 7.55
C LYS A 58 -0.80 -8.14 7.88
N ARG A 59 -1.75 -8.47 8.76
CA ARG A 59 -2.76 -7.50 9.24
C ARG A 59 -2.00 -6.46 10.09
N ALA A 60 -2.17 -5.16 9.77
CA ALA A 60 -1.53 -4.04 10.47
C ALA A 60 -1.85 -4.14 11.96
N ALA A 61 -3.10 -4.46 12.30
CA ALA A 61 -3.62 -4.55 13.69
C ALA A 61 -2.86 -5.59 14.51
N ASP A 62 -2.37 -6.69 13.91
CA ASP A 62 -1.72 -7.79 14.66
C ASP A 62 -0.25 -7.47 14.92
N ASN A 63 0.23 -6.34 14.40
CA ASN A 63 1.65 -5.89 14.54
C ASN A 63 1.72 -4.83 15.62
N LYS A 64 2.93 -4.46 16.03
CA LYS A 64 3.20 -3.48 17.11
C LYS A 64 3.21 -2.08 16.49
N SER A 65 2.31 -1.22 16.94
CA SER A 65 2.24 0.20 16.50
C SER A 65 3.35 0.97 17.21
N LEU A 66 4.25 1.59 16.46
CA LEU A 66 5.39 2.36 17.02
C LEU A 66 5.07 3.86 17.01
N GLY A 67 4.11 4.29 16.20
CA GLY A 67 3.69 5.70 16.13
C GLY A 67 3.04 6.04 14.81
N GLN A 68 2.52 7.26 14.71
CA GLN A 68 1.83 7.70 13.49
C GLN A 68 1.90 9.21 13.41
N PHE A 69 1.99 9.70 12.18
CA PHE A 69 1.88 11.12 11.82
C PHE A 69 1.22 11.23 10.45
N ASN A 70 0.67 12.41 10.19
CA ASN A 70 0.07 12.73 8.88
C ASN A 70 1.07 13.57 8.06
N LEU A 71 1.08 13.35 6.77
CA LEU A 71 1.61 14.33 5.80
C LEU A 71 0.39 14.96 5.15
N ASP A 72 0.15 16.24 5.39
CA ASP A 72 -1.04 16.91 4.81
C ASP A 72 -0.54 17.97 3.82
N GLY A 73 -1.46 18.79 3.30
CA GLY A 73 -1.15 19.85 2.32
C GLY A 73 -0.85 19.27 0.96
N ILE A 74 -1.34 18.07 0.67
CA ILE A 74 -1.20 17.52 -0.71
C ILE A 74 -2.23 18.29 -1.56
N ASN A 75 -1.76 19.10 -2.50
CA ASN A 75 -2.65 19.88 -3.39
C ASN A 75 -3.49 18.92 -4.21
N PRO A 76 -4.74 19.30 -4.57
CA PRO A 76 -5.64 18.42 -5.31
C PRO A 76 -5.01 17.86 -6.58
N ALA A 77 -5.07 16.54 -6.74
CA ALA A 77 -4.50 15.83 -7.90
C ALA A 77 -5.16 14.48 -8.08
N PRO A 78 -5.08 13.92 -9.30
CA PRO A 78 -5.58 12.57 -9.56
C PRO A 78 -4.91 11.56 -8.61
N ARG A 79 -5.72 10.65 -8.09
CA ARG A 79 -5.21 9.41 -7.46
C ARG A 79 -3.91 8.97 -8.15
N GLY A 80 -2.85 8.64 -7.41
CA GLY A 80 -1.61 8.09 -7.98
C GLY A 80 -0.63 9.13 -8.50
N MET A 81 -0.98 10.41 -8.55
CA MET A 81 -0.05 11.46 -9.01
C MET A 81 0.93 11.81 -7.89
N PRO A 82 0.47 12.08 -6.64
CA PRO A 82 1.40 12.43 -5.56
C PRO A 82 2.45 11.32 -5.38
N GLN A 83 3.68 11.71 -5.04
CA GLN A 83 4.80 10.76 -4.90
C GLN A 83 5.32 10.84 -3.47
N ILE A 84 4.70 10.08 -2.57
CA ILE A 84 4.99 10.13 -1.11
C ILE A 84 6.15 9.15 -0.86
N GLU A 85 7.35 9.70 -0.80
CA GLU A 85 8.58 8.94 -0.53
C GLU A 85 8.70 8.77 0.98
N VAL A 86 8.58 7.53 1.45
CA VAL A 86 8.68 7.20 2.89
C VAL A 86 10.05 6.56 3.13
N THR A 87 10.85 7.19 3.98
CA THR A 87 12.23 6.75 4.29
C THR A 87 12.30 6.28 5.73
N PHE A 88 12.81 5.07 5.95
CA PHE A 88 13.12 4.50 7.29
C PHE A 88 14.63 4.50 7.37
N ASP A 89 15.16 5.32 8.29
CA ASP A 89 16.61 5.54 8.51
C ASP A 89 16.95 5.23 9.97
N ILE A 90 17.62 4.11 10.23
CA ILE A 90 18.14 3.74 11.58
C ILE A 90 19.61 4.10 11.63
N ASP A 91 19.95 5.01 12.54
CA ASP A 91 21.33 5.55 12.78
C ASP A 91 22.11 4.58 13.68
N ALA A 92 23.40 4.84 13.94
CA ALA A 92 24.28 3.97 14.77
C ALA A 92 23.70 3.80 16.19
N ASP A 93 22.99 4.80 16.69
CA ASP A 93 22.41 4.81 18.06
C ASP A 93 21.11 4.01 18.13
N GLY A 94 20.68 3.36 17.03
CA GLY A 94 19.47 2.49 16.99
C GLY A 94 18.16 3.25 16.99
N ILE A 95 18.21 4.55 16.66
CA ILE A 95 17.00 5.42 16.59
C ILE A 95 16.42 5.32 15.18
N LEU A 96 15.12 5.01 15.07
CA LEU A 96 14.42 4.93 13.76
C LEU A 96 13.91 6.33 13.42
N HIS A 97 14.48 6.90 12.35
CA HIS A 97 14.00 8.15 11.69
C HIS A 97 13.03 7.78 10.56
N VAL A 98 11.78 8.19 10.69
CA VAL A 98 10.74 8.05 9.63
C VAL A 98 10.42 9.41 9.04
N SER A 99 10.61 9.52 7.74
CA SER A 99 10.32 10.71 6.90
C SER A 99 9.31 10.34 5.80
N ALA A 100 8.37 11.24 5.51
CA ALA A 100 7.43 11.14 4.38
C ALA A 100 7.47 12.48 3.65
N LYS A 101 7.94 12.47 2.41
CA LYS A 101 8.10 13.69 1.60
C LYS A 101 7.33 13.50 0.30
N ASP A 102 6.46 14.45 -0.05
CA ASP A 102 5.87 14.52 -1.41
C ASP A 102 6.92 15.16 -2.32
N LYS A 103 7.55 14.33 -3.16
CA LYS A 103 8.70 14.70 -4.03
C LYS A 103 8.20 15.65 -5.10
N ASN A 104 6.87 15.81 -5.28
CA ASN A 104 6.25 16.77 -6.24
C ASN A 104 6.38 18.17 -5.66
N SER A 105 6.20 18.32 -4.35
CA SER A 105 6.05 19.63 -3.66
C SER A 105 7.21 19.91 -2.68
N GLY A 106 8.03 18.92 -2.36
CA GLY A 106 9.08 19.01 -1.32
C GLY A 106 8.50 19.11 0.09
N LYS A 107 7.17 19.06 0.27
CA LYS A 107 6.56 19.04 1.63
C LYS A 107 6.88 17.72 2.33
N GLU A 108 7.28 17.81 3.60
CA GLU A 108 7.84 16.69 4.40
C GLU A 108 7.36 16.76 5.85
N GLN A 109 7.03 15.60 6.43
CA GLN A 109 6.81 15.45 7.89
C GLN A 109 7.61 14.23 8.36
N LYS A 110 7.92 14.19 9.66
CA LYS A 110 8.87 13.23 10.24
C LYS A 110 8.39 12.80 11.62
N ILE A 111 8.83 11.62 12.05
CA ILE A 111 8.90 11.24 13.49
C ILE A 111 10.22 10.52 13.74
N THR A 112 10.54 10.40 15.01
CA THR A 112 11.70 9.71 15.58
C THR A 112 11.12 8.65 16.53
N ILE A 113 11.57 7.41 16.43
CA ILE A 113 11.09 6.35 17.35
C ILE A 113 12.32 5.81 18.10
N LYS A 114 12.24 5.77 19.42
CA LYS A 114 13.42 5.44 20.27
C LYS A 114 13.71 3.93 20.17
N ALA A 115 14.99 3.58 20.23
CA ALA A 115 15.53 2.20 20.16
C ALA A 115 14.82 1.30 21.18
N SER A 116 14.35 1.86 22.30
CA SER A 116 13.65 1.15 23.40
C SER A 116 12.21 0.76 22.99
N SER A 117 11.60 1.49 22.05
CA SER A 117 10.17 1.36 21.65
C SER A 117 9.91 -0.02 21.04
N GLY A 118 8.64 -0.44 21.03
CA GLY A 118 8.18 -1.68 20.36
C GLY A 118 8.23 -2.88 21.28
N LEU A 119 8.17 -4.08 20.71
CA LEU A 119 8.03 -5.37 21.44
C LEU A 119 9.30 -5.63 22.26
N ASN A 120 9.16 -6.23 23.44
CA ASN A 120 10.30 -6.68 24.29
C ASN A 120 10.76 -8.09 23.83
N GLU A 121 11.83 -8.61 24.44
CA GLU A 121 12.53 -9.88 24.09
C GLU A 121 11.59 -11.10 24.24
N ASP A 122 10.69 -11.09 25.22
CA ASP A 122 9.60 -12.10 25.33
C ASP A 122 8.56 -11.86 24.22
N GLU A 123 8.18 -10.61 23.99
CA GLU A 123 7.11 -10.27 23.01
C GLU A 123 7.62 -10.55 21.60
N ILE A 124 8.91 -10.32 21.35
CA ILE A 124 9.58 -10.65 20.07
C ILE A 124 9.37 -12.13 19.80
N GLN A 125 9.73 -12.98 20.76
CA GLN A 125 9.51 -14.45 20.70
C GLN A 125 8.00 -14.73 20.53
N LYS A 126 7.16 -14.05 21.29
CA LYS A 126 5.68 -14.22 21.16
C LYS A 126 5.26 -13.85 19.72
N MET A 127 5.72 -12.70 19.20
CA MET A 127 5.41 -12.22 17.81
C MET A 127 5.89 -13.25 16.79
N VAL A 128 7.11 -13.78 16.92
CA VAL A 128 7.65 -14.77 15.94
C VAL A 128 6.77 -16.04 15.95
N ARG A 129 6.31 -16.48 17.13
CA ARG A 129 5.51 -17.73 17.24
C ARG A 129 4.16 -17.51 16.57
N ASP A 130 3.46 -16.45 16.94
CA ASP A 130 2.16 -16.04 16.33
C ASP A 130 2.23 -16.03 14.80
N ALA A 131 3.24 -15.34 14.23
CA ALA A 131 3.47 -15.27 12.76
C ALA A 131 3.61 -16.68 12.19
N GLU A 132 4.37 -17.53 12.87
CA GLU A 132 4.61 -18.95 12.49
C GLU A 132 3.25 -19.68 12.45
N ALA A 133 2.50 -19.58 13.55
CA ALA A 133 1.22 -20.29 13.79
C ALA A 133 0.14 -19.79 12.82
N ASN A 134 0.17 -18.50 12.49
CA ASN A 134 -0.90 -17.83 11.72
C ASN A 134 -0.47 -17.68 10.26
N ALA A 135 0.61 -18.34 9.84
CA ALA A 135 1.28 -18.14 8.52
C ALA A 135 0.28 -18.29 7.37
N GLU A 136 -0.59 -19.29 7.42
CA GLU A 136 -1.48 -19.61 6.29
C GLU A 136 -2.62 -18.58 6.22
N ALA A 137 -3.32 -18.33 7.33
CA ALA A 137 -4.43 -17.35 7.39
C ALA A 137 -3.89 -15.97 7.02
N ASP A 138 -2.66 -15.65 7.48
CA ASP A 138 -1.98 -14.36 7.27
C ASP A 138 -1.73 -14.17 5.77
N ARG A 139 -1.27 -15.22 5.09
CA ARG A 139 -1.00 -15.19 3.64
C ARG A 139 -2.33 -14.97 2.87
N LYS A 140 -3.40 -15.63 3.30
CA LYS A 140 -4.72 -15.60 2.61
C LYS A 140 -5.33 -14.20 2.82
N PHE A 141 -5.14 -13.62 4.00
CA PHE A 141 -5.56 -12.23 4.24
C PHE A 141 -4.78 -11.30 3.27
N GLU A 142 -3.45 -11.43 3.24
CA GLU A 142 -2.60 -10.53 2.42
C GLU A 142 -2.99 -10.67 0.94
N GLU A 143 -3.19 -11.89 0.45
CA GLU A 143 -3.50 -12.14 -0.99
C GLU A 143 -4.91 -11.60 -1.28
N LEU A 144 -5.86 -11.75 -0.38
CA LEU A 144 -7.21 -11.19 -0.60
C LEU A 144 -7.10 -9.65 -0.66
N VAL A 145 -6.45 -9.05 0.33
CA VAL A 145 -6.38 -7.56 0.41
C VAL A 145 -5.73 -7.05 -0.88
N GLN A 146 -4.65 -7.69 -1.33
CA GLN A 146 -3.93 -7.24 -2.55
C GLN A 146 -4.84 -7.40 -3.78
N THR A 147 -5.66 -8.47 -3.83
CA THR A 147 -6.49 -8.75 -5.03
C THR A 147 -7.57 -7.67 -5.11
N ARG A 148 -8.17 -7.32 -3.98
CA ARG A 148 -9.15 -6.21 -3.86
C ARG A 148 -8.52 -4.89 -4.30
N ASN A 149 -7.32 -4.58 -3.79
CA ASN A 149 -6.57 -3.34 -4.12
C ASN A 149 -6.37 -3.29 -5.63
N GLN A 150 -6.04 -4.43 -6.26
CA GLN A 150 -5.78 -4.50 -7.73
C GLN A 150 -7.11 -4.29 -8.45
N GLY A 151 -8.20 -4.92 -7.98
CA GLY A 151 -9.53 -4.72 -8.60
C GLY A 151 -9.91 -3.26 -8.51
N ASP A 152 -9.65 -2.66 -7.35
CA ASP A 152 -9.96 -1.25 -7.02
C ASP A 152 -9.22 -0.36 -8.03
N HIS A 153 -7.95 -0.64 -8.28
CA HIS A 153 -7.07 0.10 -9.22
C HIS A 153 -7.63 0.07 -10.66
N LEU A 154 -7.99 -1.12 -11.15
CA LEU A 154 -8.62 -1.34 -12.49
C LEU A 154 -9.95 -0.60 -12.60
N LEU A 155 -10.77 -0.73 -11.56
CA LEU A 155 -12.08 -0.07 -11.46
C LEU A 155 -11.88 1.44 -11.64
N HIS A 156 -11.00 2.04 -10.86
CA HIS A 156 -10.82 3.51 -10.88
C HIS A 156 -10.25 3.92 -12.26
N SER A 157 -9.24 3.24 -12.76
CA SER A 157 -8.57 3.64 -14.03
C SER A 157 -9.56 3.47 -15.19
N THR A 158 -10.40 2.44 -15.15
CA THR A 158 -11.34 2.18 -16.26
C THR A 158 -12.42 3.28 -16.29
N ARG A 159 -13.00 3.59 -15.12
CA ARG A 159 -13.94 4.72 -14.93
C ARG A 159 -13.34 6.02 -15.47
N LYS A 160 -12.05 6.26 -15.21
CA LYS A 160 -11.40 7.52 -15.67
C LYS A 160 -11.50 7.57 -17.19
N GLN A 161 -11.13 6.46 -17.84
CA GLN A 161 -11.10 6.36 -19.33
C GLN A 161 -12.51 6.42 -19.94
N VAL A 162 -13.55 5.91 -19.27
CA VAL A 162 -14.98 6.08 -19.70
C VAL A 162 -15.28 7.58 -19.70
N GLU A 163 -15.02 8.27 -18.58
CA GLU A 163 -15.23 9.73 -18.39
C GLU A 163 -14.57 10.51 -19.52
N GLU A 164 -13.32 10.17 -19.83
CA GLU A 164 -12.51 10.83 -20.89
C GLU A 164 -13.11 10.56 -22.28
N ALA A 165 -13.49 9.31 -22.59
CA ALA A 165 -14.01 8.93 -23.92
C ALA A 165 -15.30 9.69 -24.24
N GLY A 166 -16.10 10.01 -23.21
CA GLY A 166 -17.42 10.65 -23.35
C GLY A 166 -18.25 10.03 -24.45
N ASP A 167 -18.97 10.88 -25.20
CA ASP A 167 -19.94 10.53 -26.26
C ASP A 167 -19.29 9.72 -27.38
N LYS A 168 -17.96 9.72 -27.48
CA LYS A 168 -17.20 8.97 -28.52
C LYS A 168 -17.30 7.47 -28.25
N LEU A 169 -17.60 7.04 -27.03
CA LEU A 169 -17.69 5.60 -26.70
C LEU A 169 -19.03 5.12 -27.25
N PRO A 170 -19.11 4.13 -28.15
CA PRO A 170 -20.40 3.64 -28.60
C PRO A 170 -21.26 3.09 -27.44
N ALA A 171 -22.56 2.95 -27.67
CA ALA A 171 -23.59 2.60 -26.65
C ALA A 171 -23.40 1.15 -26.19
N ASP A 172 -23.12 0.22 -27.10
CA ASP A 172 -22.91 -1.22 -26.77
C ASP A 172 -21.72 -1.32 -25.81
N ASP A 173 -20.64 -0.59 -26.09
CA ASP A 173 -19.41 -0.62 -25.27
C ASP A 173 -19.68 0.05 -23.93
N LYS A 174 -20.24 1.26 -23.94
CA LYS A 174 -20.59 2.00 -22.70
C LYS A 174 -21.43 1.10 -21.77
N THR A 175 -22.46 0.44 -22.30
CA THR A 175 -23.40 -0.38 -21.50
C THR A 175 -22.63 -1.58 -20.94
N ALA A 176 -21.82 -2.24 -21.77
CA ALA A 176 -21.09 -3.45 -21.36
C ALA A 176 -20.04 -3.09 -20.30
N ILE A 177 -19.33 -1.97 -20.48
CA ILE A 177 -18.23 -1.55 -19.54
C ILE A 177 -18.88 -1.11 -18.23
N GLU A 178 -19.88 -0.23 -18.27
CA GLU A 178 -20.58 0.23 -17.04
C GLU A 178 -21.06 -0.99 -16.26
N SER A 179 -21.62 -1.98 -16.95
CA SER A 179 -22.21 -3.19 -16.30
C SER A 179 -21.08 -4.05 -15.72
N ALA A 180 -19.94 -4.14 -16.41
CA ALA A 180 -18.75 -4.89 -15.96
C ALA A 180 -18.13 -4.20 -14.72
N LEU A 181 -18.22 -2.88 -14.64
CA LEU A 181 -17.68 -2.06 -13.52
C LEU A 181 -18.51 -2.39 -12.28
N THR A 182 -19.84 -2.38 -12.41
CA THR A 182 -20.75 -2.72 -11.29
C THR A 182 -20.42 -4.12 -10.79
N ALA A 183 -20.23 -5.09 -11.70
CA ALA A 183 -19.93 -6.50 -11.35
C ALA A 183 -18.63 -6.60 -10.53
N LEU A 184 -17.55 -5.90 -10.95
CA LEU A 184 -16.25 -5.91 -10.22
C LEU A 184 -16.43 -5.20 -8.87
N GLU A 185 -17.11 -4.06 -8.86
CA GLU A 185 -17.43 -3.29 -7.64
C GLU A 185 -18.09 -4.23 -6.61
N THR A 186 -19.06 -5.05 -7.02
CA THR A 186 -19.75 -6.04 -6.14
C THR A 186 -18.75 -7.12 -5.69
N ALA A 187 -17.90 -7.64 -6.59
CA ALA A 187 -16.91 -8.69 -6.29
C ALA A 187 -15.93 -8.26 -5.17
N LEU A 188 -15.50 -7.01 -5.19
CA LEU A 188 -14.51 -6.45 -4.22
C LEU A 188 -15.03 -6.58 -2.79
N LYS A 189 -16.35 -6.55 -2.61
CA LYS A 189 -17.01 -6.63 -1.28
C LYS A 189 -16.90 -8.05 -0.73
N GLY A 190 -16.74 -9.05 -1.59
CA GLY A 190 -16.65 -10.47 -1.19
C GLY A 190 -15.27 -10.83 -0.65
N GLU A 191 -15.07 -12.11 -0.36
CA GLU A 191 -13.83 -12.72 0.22
C GLU A 191 -13.26 -13.73 -0.78
N ASP A 192 -13.71 -13.69 -2.04
CA ASP A 192 -13.33 -14.69 -3.05
C ASP A 192 -12.32 -14.05 -4.04
N LYS A 193 -11.02 -14.32 -3.82
CA LYS A 193 -9.92 -13.96 -4.75
C LYS A 193 -10.32 -14.26 -6.21
N ALA A 194 -10.73 -15.50 -6.52
CA ALA A 194 -10.97 -15.95 -7.90
C ALA A 194 -12.12 -15.15 -8.52
N ALA A 195 -13.15 -14.83 -7.72
CA ALA A 195 -14.35 -14.09 -8.18
C ALA A 195 -13.91 -12.68 -8.61
N ILE A 196 -13.11 -11.99 -7.79
CA ILE A 196 -12.57 -10.64 -8.12
C ILE A 196 -11.72 -10.73 -9.39
N GLU A 197 -10.83 -11.72 -9.50
CA GLU A 197 -9.92 -11.88 -10.67
C GLU A 197 -10.73 -12.11 -11.95
N ALA A 198 -11.78 -12.93 -11.90
CA ALA A 198 -12.66 -13.18 -13.05
C ALA A 198 -13.35 -11.88 -13.48
N LYS A 199 -13.86 -11.08 -12.53
CA LYS A 199 -14.54 -9.80 -12.85
C LYS A 199 -13.53 -8.80 -13.41
N MET A 200 -12.30 -8.82 -12.94
CA MET A 200 -11.21 -7.97 -13.50
C MET A 200 -11.04 -8.32 -14.97
N GLN A 201 -10.89 -9.61 -15.25
CA GLN A 201 -10.63 -10.15 -16.61
C GLN A 201 -11.84 -9.81 -17.50
N GLU A 202 -13.08 -9.95 -17.02
CA GLU A 202 -14.29 -9.71 -17.86
C GLU A 202 -14.39 -8.22 -18.21
N LEU A 203 -14.09 -7.33 -17.24
CA LEU A 203 -14.00 -5.88 -17.49
C LEU A 203 -12.94 -5.61 -18.57
N ALA A 204 -11.72 -6.11 -18.37
CA ALA A 204 -10.61 -5.92 -19.35
C ALA A 204 -11.08 -6.34 -20.75
N GLN A 205 -11.74 -7.49 -20.86
CA GLN A 205 -12.22 -8.07 -22.15
C GLN A 205 -13.14 -7.09 -22.88
N VAL A 206 -14.02 -6.36 -22.19
CA VAL A 206 -15.05 -5.51 -22.84
C VAL A 206 -14.54 -4.07 -22.99
N SER A 207 -13.38 -3.74 -22.42
CA SER A 207 -12.90 -2.33 -22.36
C SER A 207 -11.92 -2.05 -23.50
N GLN A 208 -11.69 -2.94 -24.46
CA GLN A 208 -10.57 -2.80 -25.43
C GLN A 208 -10.79 -1.61 -26.37
N LYS A 209 -12.02 -1.35 -26.80
CA LYS A 209 -12.38 -0.18 -27.66
C LYS A 209 -12.12 1.13 -26.92
N LEU A 210 -12.12 1.10 -25.59
CA LEU A 210 -12.04 2.29 -24.69
C LEU A 210 -10.67 2.94 -24.87
N MET A 211 -9.65 2.11 -24.92
CA MET A 211 -8.22 2.49 -24.96
C MET A 211 -7.90 2.92 -26.39
N GLU A 212 -8.61 2.35 -27.36
CA GLU A 212 -8.53 2.71 -28.80
C GLU A 212 -9.12 4.10 -29.05
N ILE A 213 -9.38 4.90 -28.02
CA ILE A 213 -9.84 6.31 -28.15
C ILE A 213 -8.75 7.20 -27.51
N ALA A 214 -7.70 7.48 -28.31
CA ALA A 214 -6.44 8.14 -27.95
C ALA A 214 -5.49 8.07 -29.16
N GLN B 3 -6.39 8.03 10.26
CA GLN B 3 -5.63 7.27 9.21
C GLN B 3 -6.13 7.65 7.82
N SER B 4 -5.55 8.67 7.19
CA SER B 4 -5.75 9.02 5.76
C SER B 4 -5.02 7.99 4.89
N THR B 5 -5.77 7.21 4.13
CA THR B 5 -5.29 5.95 3.49
C THR B 5 -4.09 6.21 2.56
N ILE B 6 -3.06 5.38 2.67
CA ILE B 6 -1.82 5.45 1.83
C ILE B 6 -1.71 4.16 1.01
N ALA B 7 -1.60 4.25 -0.32
CA ALA B 7 -1.63 3.09 -1.24
C ALA B 7 -0.24 2.86 -1.85
N LEU B 8 0.04 1.61 -2.22
CA LEU B 8 1.27 1.22 -2.96
C LEU B 8 1.31 1.97 -4.29
N ALA B 9 2.51 2.29 -4.78
CA ALA B 9 2.75 2.87 -6.13
C ALA B 9 3.51 1.87 -6.98
N LEU B 10 2.85 1.42 -8.03
CA LEU B 10 3.32 0.41 -9.02
C LEU B 10 4.57 0.96 -9.74
N LEU B 11 5.75 0.47 -9.38
CA LEU B 11 7.04 0.76 -10.07
C LEU B 11 6.92 0.27 -11.51
N PRO B 12 7.33 1.12 -12.48
CA PRO B 12 7.31 0.78 -13.91
C PRO B 12 8.45 -0.12 -14.40
N LEU B 13 8.17 -0.92 -15.43
CA LEU B 13 9.12 -1.89 -16.07
C LEU B 13 9.29 -1.53 -17.55
N LEU B 14 10.51 -1.65 -18.04
CA LEU B 14 10.86 -1.36 -19.46
C LEU B 14 10.78 -2.66 -20.27
N PHE B 15 10.63 -2.52 -21.59
CA PHE B 15 10.76 -3.60 -22.60
C PHE B 15 12.18 -3.52 -23.17
N THR B 16 13.00 -4.53 -22.84
CA THR B 16 14.45 -4.63 -23.17
C THR B 16 14.62 -5.34 -24.53
#